data_6NMQ
#
_entry.id   6NMQ
#
_cell.length_a   91.100
_cell.length_b   91.100
_cell.length_c   169.330
_cell.angle_alpha   90.00
_cell.angle_beta   90.00
_cell.angle_gamma   120.00
#
_symmetry.space_group_name_H-M   'H 3 2'
#
loop_
_entity.id
_entity.type
_entity.pdbx_description
1 polymer 'Egl nine homolog 1'
2 non-polymer 'FE (II) ION'
3 non-polymer N-(4-oxo-1,4-dihydrocinnoline-3-carbonyl)glycine
4 water water
#
_entity_poly.entity_id   1
_entity_poly.type   'polypeptide(L)'
_entity_poly.pdbx_seq_one_letter_code
;RPNGQTKPLPALKLALEYIVPCMNKHGICVVDDFLGKETGQQIGDEVRALHDTGKFTDGQLVSQKSDSSKDIRGDKITWI
EGKEPGCETIGLLMSSMDDLIRHCNGKLGSYKINGRTKAMVACYPGNGTGYVRHVDNPNGDGRCVTCIYYLNKDWDAKVS
GGILRIFPEGKAQFADIEPKFDRLLFFWSDRRNPHEVQPAYATRYAITVWYFD
;
_entity_poly.pdbx_strand_id   A
#
# COMPACT_ATOMS: atom_id res chain seq x y z
N PRO A 10 7.84 -4.06 -19.11
CA PRO A 10 6.58 -4.20 -18.37
C PRO A 10 6.29 -3.05 -17.40
N ALA A 11 7.31 -2.60 -16.64
CA ALA A 11 7.17 -1.45 -15.75
C ALA A 11 7.02 -0.17 -16.54
N LEU A 12 7.77 -0.03 -17.62
CA LEU A 12 7.59 1.12 -18.48
C LEU A 12 6.15 1.25 -18.92
N LYS A 13 5.58 0.16 -19.43
CA LYS A 13 4.23 0.21 -19.93
C LYS A 13 3.21 0.53 -18.82
N LEU A 14 3.29 -0.18 -17.69
CA LEU A 14 2.33 0.09 -16.63
C LEU A 14 2.47 1.51 -16.07
N ALA A 15 3.73 1.93 -15.85
CA ALA A 15 3.98 3.26 -15.28
C ALA A 15 3.39 4.34 -16.20
N LEU A 16 3.68 4.20 -17.50
CA LEU A 16 3.40 5.38 -18.36
C LEU A 16 2.00 5.33 -19.03
N GLU A 17 1.44 4.14 -19.18
CA GLU A 17 0.11 3.97 -19.74
C GLU A 17 -1.04 3.99 -18.73
N TYR A 18 -0.68 3.83 -17.45
CA TYR A 18 -1.72 3.70 -16.44
C TYR A 18 -1.42 4.51 -15.20
N ILE A 19 -0.29 4.24 -14.52
CA ILE A 19 -0.07 4.82 -13.16
C ILE A 19 0.03 6.34 -13.21
N VAL A 20 0.86 6.83 -14.15
CA VAL A 20 1.01 8.28 -14.33
C VAL A 20 -0.30 9.02 -14.66
N PRO A 21 -1.00 8.63 -15.76
CA PRO A 21 -2.28 9.28 -16.02
C PRO A 21 -3.35 9.11 -14.95
N CYS A 22 -3.47 7.93 -14.34
CA CYS A 22 -4.48 7.70 -13.31
C CYS A 22 -4.22 8.57 -12.05
N MET A 23 -2.96 8.62 -11.63
CA MET A 23 -2.59 9.43 -10.49
C MET A 23 -2.76 10.92 -10.74
N ASN A 24 -2.30 11.37 -11.92
CA ASN A 24 -2.45 12.81 -12.22
C ASN A 24 -3.91 13.22 -12.29
N LYS A 25 -4.78 12.32 -12.75
CA LYS A 25 -6.21 12.64 -12.80
C LYS A 25 -6.98 12.53 -11.48
N HIS A 26 -6.65 11.48 -10.71
CA HIS A 26 -7.50 11.09 -9.57
C HIS A 26 -6.78 11.12 -8.23
N GLY A 27 -5.45 11.03 -8.30
CA GLY A 27 -4.66 11.05 -7.04
C GLY A 27 -4.65 9.70 -6.31
N ILE A 28 -5.26 8.70 -6.94
CA ILE A 28 -5.49 7.35 -6.41
C ILE A 28 -5.33 6.44 -7.64
N CYS A 29 -4.63 5.31 -7.46
CA CYS A 29 -4.48 4.35 -8.56
C CYS A 29 -4.37 2.92 -8.01
N VAL A 30 -5.30 2.05 -8.44
CA VAL A 30 -5.33 0.63 -8.07
C VAL A 30 -4.81 -0.26 -9.19
N VAL A 31 -3.84 -1.12 -8.91
CA VAL A 31 -3.23 -2.07 -9.83
C VAL A 31 -3.56 -3.44 -9.27
N ASP A 32 -4.58 -4.08 -9.81
CA ASP A 32 -4.85 -5.47 -9.41
C ASP A 32 -3.93 -6.45 -10.09
N ASP A 33 -3.75 -7.61 -9.46
CA ASP A 33 -2.94 -8.70 -9.98
C ASP A 33 -1.51 -8.28 -10.24
N PHE A 34 -0.90 -7.56 -9.30
CA PHE A 34 0.36 -6.93 -9.52
C PHE A 34 1.52 -7.89 -9.76
N LEU A 35 1.69 -8.89 -8.88
CA LEU A 35 2.81 -9.84 -8.98
C LEU A 35 2.38 -11.26 -9.37
N GLY A 36 1.08 -11.52 -9.34
CA GLY A 36 0.55 -12.86 -9.66
C GLY A 36 0.51 -13.72 -8.42
N LYS A 37 -0.32 -14.74 -8.51
CA LYS A 37 -0.92 -15.46 -7.39
C LYS A 37 0.15 -16.22 -6.64
N GLU A 38 1.19 -16.64 -7.35
CA GLU A 38 2.23 -17.43 -6.76
C GLU A 38 3.08 -16.61 -5.82
N THR A 39 3.72 -15.55 -6.37
CA THR A 39 4.62 -14.63 -5.66
C THR A 39 3.85 -13.93 -4.54
N GLY A 40 2.56 -13.62 -4.77
CA GLY A 40 1.70 -13.04 -3.78
C GLY A 40 1.64 -13.89 -2.52
N GLN A 41 1.27 -15.14 -2.76
CA GLN A 41 1.06 -16.14 -1.72
C GLN A 41 2.31 -16.31 -0.93
N GLN A 42 3.43 -16.21 -1.61
CA GLN A 42 4.70 -16.33 -1.00
C GLN A 42 4.92 -15.18 -0.01
N ILE A 43 4.63 -13.94 -0.44
CA ILE A 43 4.88 -12.77 0.40
C ILE A 43 3.99 -12.90 1.63
N GLY A 44 2.75 -13.33 1.42
CA GLY A 44 1.72 -13.62 2.41
C GLY A 44 2.17 -14.67 3.42
N ASP A 45 2.76 -15.75 2.91
CA ASP A 45 3.25 -16.73 3.84
C ASP A 45 4.39 -16.16 4.69
N GLU A 46 5.25 -15.30 4.13
CA GLU A 46 6.32 -14.58 4.86
C GLU A 46 5.82 -13.60 5.95
N VAL A 47 4.78 -12.85 5.62
CA VAL A 47 4.20 -11.89 6.57
C VAL A 47 3.60 -12.63 7.73
N ARG A 48 2.87 -13.71 7.45
CA ARG A 48 2.27 -14.54 8.49
C ARG A 48 3.33 -15.18 9.42
N ALA A 49 4.51 -15.50 8.88
CA ALA A 49 5.56 -16.15 9.68
C ALA A 49 6.23 -15.14 10.59
N LEU A 50 6.53 -13.94 10.11
CA LEU A 50 6.87 -12.81 10.98
C LEU A 50 5.89 -12.66 12.16
N HIS A 51 4.59 -12.71 11.86
CA HIS A 51 3.55 -12.39 12.82
C HIS A 51 3.47 -13.44 13.92
N ASP A 52 3.32 -14.69 13.50
CA ASP A 52 3.08 -15.79 14.43
C ASP A 52 4.31 -16.05 15.30
N THR A 53 5.50 -15.70 14.80
CA THR A 53 6.75 -15.73 15.59
C THR A 53 7.05 -14.41 16.38
N GLY A 54 5.99 -13.69 16.76
CA GLY A 54 6.11 -12.58 17.73
C GLY A 54 6.63 -11.22 17.29
N LYS A 55 6.81 -11.02 15.97
CA LYS A 55 7.55 -9.84 15.47
C LYS A 55 6.69 -8.66 15.03
N PHE A 56 5.65 -8.33 15.80
CA PHE A 56 4.85 -7.11 15.59
C PHE A 56 4.71 -6.33 16.91
N THR A 57 4.45 -5.03 16.81
CA THR A 57 4.38 -4.14 17.98
C THR A 57 3.28 -3.08 17.84
N ASP A 75 -4.31 -2.40 15.20
CA ASP A 75 -3.14 -2.06 14.35
C ASP A 75 -1.75 -2.45 14.96
N LYS A 76 -1.12 -3.53 14.51
CA LYS A 76 0.29 -3.82 14.86
C LYS A 76 1.20 -3.80 13.62
N ILE A 77 2.46 -3.38 13.79
CA ILE A 77 3.41 -3.15 12.68
C ILE A 77 4.81 -3.62 12.93
N THR A 78 5.51 -3.91 11.82
CA THR A 78 6.92 -4.18 11.85
C THR A 78 7.59 -3.60 10.60
N TRP A 79 8.79 -3.03 10.75
CA TRP A 79 9.53 -2.41 9.68
C TRP A 79 10.56 -3.38 9.10
N ILE A 80 10.65 -3.42 7.77
CA ILE A 80 11.57 -4.31 7.03
C ILE A 80 12.36 -3.55 5.89
N GLU A 81 13.67 -3.63 5.97
CA GLU A 81 14.55 -3.12 4.90
C GLU A 81 14.53 -3.98 3.60
N GLY A 82 14.50 -5.31 3.72
CA GLY A 82 14.42 -6.21 2.56
C GLY A 82 15.58 -7.19 2.39
N LYS A 83 16.57 -7.09 3.29
CA LYS A 83 17.69 -8.03 3.41
C LYS A 83 17.61 -8.97 4.63
N GLU A 84 16.67 -8.76 5.56
CA GLU A 84 16.60 -9.56 6.80
CA GLU A 84 16.57 -9.58 6.81
C GLU A 84 15.99 -10.98 6.53
N PRO A 85 15.98 -11.88 7.57
CA PRO A 85 15.46 -13.24 7.32
C PRO A 85 13.96 -13.48 7.24
N GLY A 86 13.60 -14.37 6.31
CA GLY A 86 12.20 -14.73 6.10
C GLY A 86 11.50 -13.68 5.23
N CYS A 87 12.29 -12.76 4.67
CA CYS A 87 11.75 -11.54 3.98
C CYS A 87 12.22 -11.34 2.52
N GLU A 88 12.74 -12.40 1.87
CA GLU A 88 13.37 -12.28 0.53
C GLU A 88 12.37 -11.72 -0.49
N THR A 89 11.14 -12.19 -0.39
CA THR A 89 10.16 -11.98 -1.42
C THR A 89 9.54 -10.61 -1.13
N ILE A 90 9.51 -10.20 0.13
CA ILE A 90 9.09 -8.80 0.44
C ILE A 90 10.12 -7.85 -0.21
N GLY A 91 11.41 -8.16 -0.18
CA GLY A 91 12.42 -7.48 -1.00
C GLY A 91 12.10 -7.43 -2.49
N LEU A 92 11.63 -8.53 -3.05
CA LEU A 92 11.28 -8.56 -4.46
C LEU A 92 10.10 -7.61 -4.69
N LEU A 93 9.11 -7.63 -3.79
CA LEU A 93 8.02 -6.65 -3.87
C LEU A 93 8.52 -5.23 -3.92
N MET A 94 9.40 -4.86 -2.98
CA MET A 94 9.98 -3.51 -2.90
C MET A 94 10.72 -3.18 -4.20
N SER A 95 11.45 -4.14 -4.76
CA SER A 95 12.20 -3.92 -6.01
C SER A 95 11.26 -3.64 -7.16
N SER A 96 10.11 -4.32 -7.13
CA SER A 96 9.05 -4.26 -8.18
C SER A 96 8.35 -2.91 -8.11
N MET A 97 7.99 -2.48 -6.87
CA MET A 97 7.49 -1.11 -6.65
C MET A 97 8.48 -0.06 -7.16
N ASP A 98 9.76 -0.19 -6.79
CA ASP A 98 10.79 0.76 -7.19
C ASP A 98 10.91 0.87 -8.73
N ASP A 99 10.84 -0.28 -9.41
CA ASP A 99 10.85 -0.32 -10.88
CA ASP A 99 10.82 -0.37 -10.89
C ASP A 99 9.71 0.51 -11.47
N LEU A 100 8.51 0.41 -10.94
CA LEU A 100 7.39 1.26 -11.35
C LEU A 100 7.65 2.71 -11.17
N ILE A 101 8.10 3.09 -9.97
CA ILE A 101 8.28 4.49 -9.68
C ILE A 101 9.39 5.08 -10.51
N ARG A 102 10.46 4.32 -10.72
CA ARG A 102 11.60 4.77 -11.51
C ARG A 102 11.20 5.06 -12.95
N HIS A 103 10.29 4.24 -13.45
CA HIS A 103 9.80 4.41 -14.84
C HIS A 103 8.62 5.34 -14.93
N CYS A 104 8.22 5.97 -13.82
CA CYS A 104 7.27 7.06 -13.95
C CYS A 104 7.98 8.30 -14.53
N ASN A 105 9.29 8.29 -14.46
CA ASN A 105 10.14 9.29 -15.17
C ASN A 105 9.96 10.76 -14.66
N GLY A 106 9.74 10.97 -13.36
CA GLY A 106 9.43 12.33 -12.85
C GLY A 106 8.06 12.93 -13.26
N LYS A 107 7.19 12.12 -13.86
CA LYS A 107 5.86 12.52 -14.38
C LYS A 107 4.72 12.39 -13.38
N LEU A 108 4.97 11.71 -12.28
CA LEU A 108 3.91 11.39 -11.35
C LEU A 108 3.76 12.62 -10.47
N GLY A 109 2.76 13.45 -10.73
CA GLY A 109 2.55 14.68 -9.94
C GLY A 109 3.67 15.69 -10.06
N SER A 110 4.39 15.59 -11.17
CA SER A 110 5.61 16.36 -11.40
C SER A 110 6.64 16.21 -10.28
N TYR A 111 6.58 15.10 -9.55
CA TYR A 111 7.55 14.88 -8.46
C TYR A 111 8.79 14.20 -8.97
N LYS A 112 9.95 14.73 -8.60
CA LYS A 112 11.12 13.93 -8.75
C LYS A 112 11.28 13.19 -7.46
N ILE A 113 11.14 11.89 -7.57
CA ILE A 113 11.15 11.03 -6.42
C ILE A 113 12.60 10.60 -6.14
N ASN A 114 13.05 10.79 -4.88
CA ASN A 114 14.45 10.59 -4.52
C ASN A 114 14.69 9.36 -3.68
N GLY A 115 13.63 8.73 -3.18
CA GLY A 115 13.76 7.55 -2.36
C GLY A 115 12.42 7.10 -1.79
N ARG A 116 12.51 6.11 -0.92
CA ARG A 116 11.42 5.65 -0.11
C ARG A 116 11.83 5.10 1.24
N THR A 117 10.82 4.99 2.08
CA THR A 117 10.96 4.32 3.38
C THR A 117 11.21 2.85 3.18
N LYS A 118 11.59 2.22 4.28
CA LYS A 118 11.52 0.77 4.41
C LYS A 118 10.07 0.31 4.31
N ALA A 119 9.85 -0.99 4.16
CA ALA A 119 8.51 -1.54 4.15
C ALA A 119 7.92 -1.63 5.55
N MET A 120 6.72 -1.06 5.73
CA MET A 120 5.97 -1.18 6.97
C MET A 120 4.91 -2.25 6.79
N VAL A 121 5.05 -3.36 7.54
CA VAL A 121 4.05 -4.41 7.47
C VAL A 121 3.04 -4.17 8.56
N ALA A 122 1.75 -4.18 8.24
CA ALA A 122 0.68 -3.91 9.19
C ALA A 122 -0.28 -5.11 9.27
N CYS A 123 -0.70 -5.44 10.49
CA CYS A 123 -1.69 -6.47 10.74
C CYS A 123 -2.80 -5.89 11.60
N TYR A 124 -4.04 -5.89 11.09
CA TYR A 124 -5.23 -5.63 11.91
C TYR A 124 -5.74 -7.02 12.31
N PRO A 125 -5.80 -7.31 13.61
CA PRO A 125 -5.95 -8.71 14.09
C PRO A 125 -7.28 -9.32 13.82
N GLY A 126 -8.30 -8.52 13.50
CA GLY A 126 -9.61 -9.00 13.20
C GLY A 126 -10.59 -8.92 14.36
N ASN A 127 -10.39 -7.99 15.27
CA ASN A 127 -11.29 -7.88 16.44
C ASN A 127 -12.19 -6.62 16.42
N GLY A 128 -12.49 -6.10 15.24
CA GLY A 128 -13.19 -4.85 15.10
C GLY A 128 -12.30 -3.62 15.10
N THR A 129 -11.00 -3.80 15.11
CA THR A 129 -10.15 -2.60 15.18
C THR A 129 -9.88 -2.18 13.73
N GLY A 130 -9.64 -0.88 13.56
CA GLY A 130 -9.40 -0.27 12.25
C GLY A 130 -8.39 0.83 12.50
N TYR A 131 -8.45 1.87 11.68
CA TYR A 131 -7.51 3.00 11.80
C TYR A 131 -8.28 4.22 11.42
N VAL A 132 -8.47 5.11 12.37
CA VAL A 132 -9.33 6.27 12.19
C VAL A 132 -8.82 7.23 11.08
N ARG A 133 -9.73 8.05 10.58
CA ARG A 133 -9.44 8.92 9.44
C ARG A 133 -8.21 9.75 9.82
N HIS A 134 -7.30 9.84 8.87
CA HIS A 134 -6.01 10.52 9.03
C HIS A 134 -5.47 10.92 7.69
N VAL A 135 -4.50 11.81 7.70
CA VAL A 135 -3.67 12.08 6.54
C VAL A 135 -2.26 11.52 6.86
N ASP A 136 -1.63 10.85 5.91
CA ASP A 136 -0.35 10.17 6.15
C ASP A 136 0.77 11.18 6.45
N ASN A 137 0.86 12.22 5.64
CA ASN A 137 1.87 13.30 5.78
C ASN A 137 1.18 14.66 5.94
N PRO A 138 0.67 14.96 7.17
CA PRO A 138 -0.03 16.18 7.51
C PRO A 138 0.89 17.39 7.76
N ASN A 139 2.12 17.09 8.11
CA ASN A 139 2.98 18.17 8.61
C ASN A 139 4.13 18.54 7.72
N GLY A 140 4.14 18.04 6.49
CA GLY A 140 5.02 18.60 5.45
C GLY A 140 6.38 17.93 5.42
N ASP A 141 6.45 16.64 5.69
CA ASP A 141 7.67 15.93 5.43
C ASP A 141 7.69 15.68 3.89
N GLY A 142 8.67 14.98 3.41
CA GLY A 142 8.81 14.91 1.98
C GLY A 142 8.06 13.71 1.38
N ARG A 143 7.29 12.95 2.18
CA ARG A 143 6.59 11.77 1.66
C ARG A 143 5.48 12.32 0.73
N CYS A 144 5.46 11.83 -0.52
CA CYS A 144 4.53 12.29 -1.53
C CYS A 144 3.58 11.22 -2.04
N VAL A 145 4.02 9.96 -2.09
CA VAL A 145 3.18 8.88 -2.62
C VAL A 145 3.18 7.76 -1.61
N THR A 146 2.00 7.29 -1.26
CA THR A 146 1.82 6.09 -0.42
C THR A 146 1.57 4.94 -1.32
N CYS A 147 2.27 3.81 -1.10
CA CYS A 147 2.14 2.62 -1.93
CA CYS A 147 2.12 2.60 -1.92
C CYS A 147 1.82 1.46 -1.00
N ILE A 148 0.68 0.84 -1.18
CA ILE A 148 0.27 -0.24 -0.31
C ILE A 148 0.04 -1.52 -1.13
N TYR A 149 0.53 -2.67 -0.64
CA TYR A 149 0.31 -3.93 -1.30
C TYR A 149 -0.46 -4.82 -0.35
N TYR A 150 -1.57 -5.37 -0.79
CA TYR A 150 -2.47 -6.12 0.07
C TYR A 150 -2.32 -7.63 -0.14
N LEU A 151 -2.58 -8.42 0.90
CA LEU A 151 -2.25 -9.88 0.89
C LEU A 151 -3.42 -10.77 1.30
N ASN A 152 -4.65 -10.29 1.28
CA ASN A 152 -5.78 -10.99 1.94
C ASN A 152 -6.62 -11.73 0.93
N LYS A 153 -6.39 -13.04 0.83
CA LYS A 153 -7.08 -13.82 -0.20
C LYS A 153 -8.57 -14.02 0.12
N ASP A 154 -9.42 -13.94 -0.88
CA ASP A 154 -10.85 -14.21 -0.70
C ASP A 154 -11.40 -13.36 0.43
N TRP A 155 -11.05 -12.07 0.40
CA TRP A 155 -11.53 -11.13 1.42
C TRP A 155 -13.02 -10.96 1.22
N ASP A 156 -13.80 -11.17 2.27
CA ASP A 156 -15.25 -11.09 2.18
C ASP A 156 -15.68 -9.74 2.79
N ALA A 157 -15.71 -8.68 1.98
CA ALA A 157 -15.68 -7.34 2.56
C ALA A 157 -17.02 -7.04 3.25
N LYS A 158 -18.08 -7.63 2.69
CA LYS A 158 -19.41 -7.50 3.25
C LYS A 158 -19.48 -8.01 4.69
N VAL A 159 -18.78 -9.09 5.02
CA VAL A 159 -18.75 -9.63 6.38
C VAL A 159 -17.48 -9.27 7.18
N SER A 160 -16.35 -9.11 6.50
CA SER A 160 -15.06 -8.93 7.18
C SER A 160 -14.68 -7.45 7.39
N GLY A 161 -15.43 -6.53 6.81
CA GLY A 161 -15.07 -5.11 6.96
C GLY A 161 -13.72 -4.75 6.37
N GLY A 162 -12.98 -3.86 7.03
CA GLY A 162 -11.59 -3.56 6.70
C GLY A 162 -11.40 -2.83 5.38
N ILE A 163 -12.45 -2.18 4.88
CA ILE A 163 -12.29 -1.36 3.63
C ILE A 163 -11.40 -0.17 3.93
N LEU A 164 -10.55 0.17 2.96
CA LEU A 164 -9.86 1.48 2.99
C LEU A 164 -10.79 2.48 2.31
N ARG A 165 -11.19 3.54 3.01
CA ARG A 165 -12.07 4.60 2.47
C ARG A 165 -11.18 5.87 2.43
N ILE A 166 -11.09 6.39 1.19
CA ILE A 166 -10.30 7.61 0.88
C ILE A 166 -11.23 8.67 0.49
N PHE A 167 -10.93 9.93 0.92
CA PHE A 167 -11.82 11.12 0.72
C PHE A 167 -11.03 12.09 -0.18
N PRO A 168 -10.94 11.78 -1.47
CA PRO A 168 -10.07 12.64 -2.29
C PRO A 168 -10.60 14.05 -2.35
N GLU A 169 -9.67 14.99 -2.13
CA GLU A 169 -10.01 16.42 -2.15
C GLU A 169 -10.49 16.82 -3.55
N GLY A 170 -11.58 17.55 -3.57
CA GLY A 170 -12.16 17.99 -4.85
C GLY A 170 -13.17 17.06 -5.52
N LYS A 171 -13.49 15.93 -4.89
CA LYS A 171 -14.62 15.08 -5.31
C LYS A 171 -15.60 15.01 -4.12
N ALA A 172 -16.91 15.03 -4.40
CA ALA A 172 -17.96 14.93 -3.35
C ALA A 172 -18.40 13.49 -3.11
N GLN A 173 -17.55 12.55 -3.50
CA GLN A 173 -17.74 11.11 -3.30
C GLN A 173 -16.42 10.48 -2.81
N PHE A 174 -16.54 9.67 -1.78
CA PHE A 174 -15.37 8.94 -1.29
C PHE A 174 -15.07 7.76 -2.19
N ALA A 175 -13.88 7.17 -2.03
CA ALA A 175 -13.49 5.97 -2.77
C ALA A 175 -13.24 4.82 -1.79
N ASP A 176 -13.89 3.69 -2.01
CA ASP A 176 -13.75 2.46 -1.19
C ASP A 176 -12.88 1.47 -1.89
N ILE A 177 -11.80 1.07 -1.24
CA ILE A 177 -10.87 0.13 -1.77
C ILE A 177 -10.82 -1.16 -0.87
N GLU A 178 -11.23 -2.31 -1.40
CA GLU A 178 -11.08 -3.56 -0.67
C GLU A 178 -9.59 -4.01 -0.63
N PRO A 179 -9.11 -4.57 0.52
CA PRO A 179 -7.75 -4.97 0.78
C PRO A 179 -7.44 -6.31 0.14
N LYS A 180 -7.68 -6.39 -1.17
CA LYS A 180 -7.61 -7.66 -1.91
C LYS A 180 -6.23 -8.17 -2.14
N PHE A 181 -6.11 -9.50 -2.09
CA PHE A 181 -4.89 -10.16 -2.41
C PHE A 181 -4.29 -9.74 -3.76
N ASP A 182 -3.03 -9.39 -3.68
CA ASP A 182 -2.15 -9.03 -4.82
C ASP A 182 -2.62 -7.73 -5.48
N ARG A 183 -3.33 -6.90 -4.73
CA ARG A 183 -3.64 -5.53 -5.14
C ARG A 183 -2.57 -4.55 -4.68
N LEU A 184 -2.02 -3.76 -5.59
CA LEU A 184 -1.11 -2.65 -5.31
C LEU A 184 -1.91 -1.35 -5.43
N LEU A 185 -1.68 -0.41 -4.50
CA LEU A 185 -2.43 0.84 -4.49
C LEU A 185 -1.46 1.98 -4.31
N PHE A 186 -1.66 3.02 -5.09
CA PHE A 186 -0.94 4.28 -4.93
C PHE A 186 -1.90 5.42 -4.58
N PHE A 187 -1.46 6.36 -3.75
CA PHE A 187 -2.24 7.58 -3.51
C PHE A 187 -1.38 8.68 -2.98
N TRP A 188 -1.75 9.93 -3.25
CA TRP A 188 -0.96 11.04 -2.71
C TRP A 188 -1.02 11.05 -1.17
N SER A 189 0.14 11.24 -0.52
CA SER A 189 0.26 11.11 0.92
C SER A 189 -0.18 12.30 1.74
N ASP A 190 -0.29 13.47 1.08
CA ASP A 190 -0.64 14.69 1.79
C ASP A 190 -2.14 14.84 2.01
N ARG A 191 -2.60 16.07 2.30
CA ARG A 191 -3.97 16.29 2.68
CA ARG A 191 -3.97 16.31 2.67
C ARG A 191 -4.98 16.15 1.52
N ARG A 192 -4.50 15.96 0.32
CA ARG A 192 -5.38 15.58 -0.82
C ARG A 192 -6.13 14.30 -0.52
N ASN A 193 -5.58 13.42 0.34
CA ASN A 193 -6.19 12.10 0.56
C ASN A 193 -6.28 11.71 2.05
N PRO A 194 -7.17 12.35 2.80
CA PRO A 194 -7.55 11.81 4.11
C PRO A 194 -8.14 10.39 3.85
N HIS A 195 -7.89 9.45 4.75
CA HIS A 195 -8.34 8.11 4.51
C HIS A 195 -8.45 7.40 5.86
N GLU A 196 -9.19 6.26 5.89
CA GLU A 196 -9.44 5.49 7.12
C GLU A 196 -9.51 4.01 6.78
N VAL A 197 -9.05 3.17 7.70
CA VAL A 197 -9.35 1.71 7.63
C VAL A 197 -10.55 1.42 8.49
N GLN A 198 -11.69 1.09 7.85
CA GLN A 198 -12.90 0.74 8.61
CA GLN A 198 -12.90 0.72 8.59
C GLN A 198 -12.63 -0.54 9.40
N PRO A 199 -13.34 -0.70 10.54
CA PRO A 199 -13.16 -1.83 11.38
C PRO A 199 -13.10 -3.17 10.67
N ALA A 200 -12.10 -3.99 11.02
CA ALA A 200 -11.80 -5.27 10.34
C ALA A 200 -12.17 -6.40 11.31
N TYR A 201 -12.85 -7.39 10.76
CA TYR A 201 -13.40 -8.52 11.56
C TYR A 201 -12.81 -9.84 11.09
N ALA A 202 -11.75 -9.76 10.30
CA ALA A 202 -10.84 -10.88 10.05
C ALA A 202 -9.42 -10.34 10.02
N THR A 203 -8.42 -11.18 10.21
CA THR A 203 -7.01 -10.75 10.19
C THR A 203 -6.72 -10.17 8.79
N ARG A 204 -6.15 -8.97 8.81
CA ARG A 204 -5.94 -8.16 7.59
C ARG A 204 -4.50 -7.67 7.53
N TYR A 205 -3.82 -7.97 6.44
CA TYR A 205 -2.41 -7.67 6.27
C TYR A 205 -2.20 -6.75 5.07
N ALA A 206 -1.21 -5.87 5.19
CA ALA A 206 -0.82 -4.92 4.13
C ALA A 206 0.60 -4.54 4.33
N ILE A 207 1.30 -4.17 3.27
CA ILE A 207 2.65 -3.72 3.31
C ILE A 207 2.67 -2.33 2.67
N THR A 208 3.17 -1.33 3.41
CA THR A 208 3.29 0.04 2.88
C THR A 208 4.69 0.54 2.72
N VAL A 209 4.95 1.26 1.63
CA VAL A 209 6.12 2.13 1.57
C VAL A 209 5.67 3.55 1.24
N TRP A 210 6.41 4.57 1.68
CA TRP A 210 6.18 5.94 1.26
C TRP A 210 7.34 6.43 0.42
N TYR A 211 7.08 6.92 -0.80
CA TYR A 211 8.12 7.53 -1.61
C TYR A 211 8.17 9.01 -1.32
N PHE A 212 9.36 9.60 -1.38
CA PHE A 212 9.55 11.02 -1.02
C PHE A 212 10.22 11.75 -2.15
N ASP A 213 9.88 13.03 -2.25
CA ASP A 213 10.52 13.92 -3.21
C ASP A 213 11.62 14.73 -2.53
#